data_3BW2
#
_entry.id   3BW2
#
_cell.length_a   113.133
_cell.length_b   113.133
_cell.length_c   115.739
_cell.angle_alpha   90.00
_cell.angle_beta   90.00
_cell.angle_gamma   90.00
#
_symmetry.space_group_name_H-M   'I 41 2 2'
#
loop_
_entity.id
_entity.type
_entity.pdbx_description
1 polymer '2-nitropropane dioxygenase'
2 non-polymer 'FLAVIN MONONUCLEOTIDE'
3 non-polymer (4S)-2-METHYL-2,4-PENTANEDIOL
4 water water
#
_entity_poly.entity_id   1
_entity_poly.type   'polypeptide(L)'
_entity_poly.pdbx_seq_one_letter_code
;MSSALTDLFPLPIVQAPMAGGVSVPQLAAAVCEAGGLGFLAAGYKTADGMYQEIKRLRGLTGRPFGVNVFMPQPELAESG
AVEVYAHQLAGEAAWYETELGDPDGGRDDGYDAKLAVLLDDPVPVVSFHFGVPDREVIARLRRAGTLTLVTATTPEEARA
VEAAGADAVIAQGVEAGGHQGTHRDSSEDDGAGIGLLSLLAQVREAVDIPVVAAGGIMRGGQIAAVLAAGADAAQLGTAF
LATDESGAPGPHKRALTDPLFARTRLTRAFTGRPARSLVNRFLREHGPYAPAAYPDVHHLTSPLRKAAAKAGDAQGMALW
AGQGHRMARELPAGRLVEVLAAELAEARTALSDASRENESRKGHHHHHH
;
_entity_poly.pdbx_strand_id   A
#
loop_
_chem_comp.id
_chem_comp.type
_chem_comp.name
_chem_comp.formula
FMN non-polymer 'FLAVIN MONONUCLEOTIDE' 'C17 H21 N4 O9 P'
MPD non-polymer (4S)-2-METHYL-2,4-PENTANEDIOL 'C6 H14 O2'
#
# COMPACT_ATOMS: atom_id res chain seq x y z
N SER A 3 -10.92 20.74 4.48
CA SER A 3 -10.96 19.29 4.12
C SER A 3 -11.23 18.43 5.35
N ALA A 4 -12.34 17.69 5.32
CA ALA A 4 -12.72 16.83 6.44
C ALA A 4 -11.58 15.89 6.83
N LEU A 5 -10.87 15.37 5.82
CA LEU A 5 -9.77 14.47 6.06
C LEU A 5 -8.61 15.13 6.80
N THR A 6 -8.03 16.16 6.21
CA THR A 6 -6.90 16.86 6.82
C THR A 6 -7.26 17.57 8.11
N ASP A 7 -8.55 17.67 8.42
CA ASP A 7 -8.96 18.31 9.67
C ASP A 7 -8.75 17.33 10.83
N LEU A 8 -8.66 16.04 10.52
CA LEU A 8 -8.46 14.99 11.53
C LEU A 8 -7.07 15.00 12.16
N PHE A 9 -6.07 15.36 11.39
CA PHE A 9 -4.70 15.40 11.90
C PHE A 9 -3.98 16.66 11.40
N PRO A 10 -3.06 17.20 12.21
CA PRO A 10 -2.29 18.41 11.90
C PRO A 10 -1.38 18.44 10.69
N LEU A 11 -0.67 17.34 10.44
CA LEU A 11 0.24 17.31 9.29
C LEU A 11 -0.34 16.56 8.10
N PRO A 12 -0.10 17.07 6.88
CA PRO A 12 -0.59 16.47 5.63
C PRO A 12 0.23 15.24 5.25
N ILE A 13 0.45 14.37 6.24
CA ILE A 13 1.25 13.18 6.03
C ILE A 13 0.51 11.92 6.43
N VAL A 14 0.44 10.97 5.49
CA VAL A 14 -0.25 9.72 5.75
C VAL A 14 0.72 8.55 5.62
N GLN A 15 0.75 7.69 6.62
CA GLN A 15 1.59 6.50 6.57
C GLN A 15 0.77 5.45 5.85
N ALA A 16 1.24 5.04 4.68
CA ALA A 16 0.53 4.05 3.87
C ALA A 16 0.34 2.73 4.58
N PRO A 17 -0.84 2.13 4.43
CA PRO A 17 -1.06 0.83 5.09
C PRO A 17 -0.17 -0.13 4.31
N MET A 18 0.54 -1.01 5.02
CA MET A 18 1.43 -1.96 4.36
C MET A 18 1.22 -3.33 4.96
N ALA A 19 0.66 -4.24 4.17
CA ALA A 19 0.37 -5.59 4.62
C ALA A 19 1.64 -6.41 4.77
N GLY A 20 1.47 -7.67 5.15
CA GLY A 20 2.62 -8.54 5.32
C GLY A 20 3.37 -8.31 6.61
N GLY A 21 2.68 -7.74 7.60
CA GLY A 21 3.29 -7.49 8.89
C GLY A 21 4.17 -6.25 8.97
N VAL A 22 4.08 -5.38 7.98
CA VAL A 22 4.87 -4.16 7.98
C VAL A 22 4.30 -3.08 8.88
N SER A 23 3.07 -2.66 8.60
CA SER A 23 2.44 -1.61 9.39
C SER A 23 1.69 -2.11 10.63
N VAL A 24 2.45 -2.46 11.65
CA VAL A 24 1.89 -2.95 12.91
C VAL A 24 1.40 -1.78 13.77
N PRO A 25 0.61 -2.04 14.82
CA PRO A 25 0.10 -0.98 15.68
C PRO A 25 1.16 0.02 16.14
N GLN A 26 2.34 -0.46 16.53
CA GLN A 26 3.39 0.44 16.98
C GLN A 26 3.79 1.46 15.93
N LEU A 27 3.72 1.10 14.65
CA LEU A 27 4.08 2.05 13.60
C LEU A 27 2.99 3.12 13.50
N ALA A 28 1.75 2.69 13.33
CA ALA A 28 0.64 3.61 13.21
C ALA A 28 0.58 4.58 14.39
N ALA A 29 0.76 4.06 15.59
CA ALA A 29 0.72 4.89 16.79
C ALA A 29 1.79 5.99 16.76
N ALA A 30 3.03 5.63 16.41
CA ALA A 30 4.11 6.61 16.36
C ALA A 30 3.78 7.71 15.35
N VAL A 31 3.20 7.32 14.22
CA VAL A 31 2.84 8.29 13.19
C VAL A 31 1.73 9.19 13.75
N CYS A 32 0.66 8.57 14.27
CA CYS A 32 -0.45 9.32 14.84
C CYS A 32 0.01 10.30 15.92
N GLU A 33 0.84 9.81 16.84
CA GLU A 33 1.33 10.64 17.93
C GLU A 33 2.19 11.80 17.47
N ALA A 34 2.78 11.68 16.28
CA ALA A 34 3.63 12.72 15.73
C ALA A 34 2.83 13.71 14.89
N GLY A 35 1.53 13.48 14.79
CA GLY A 35 0.69 14.39 14.03
C GLY A 35 0.25 13.92 12.65
N GLY A 36 0.70 12.75 12.25
CA GLY A 36 0.31 12.23 10.94
C GLY A 36 -0.83 11.24 11.09
N LEU A 37 -1.22 10.61 10.00
CA LEU A 37 -2.30 9.63 10.02
C LEU A 37 -1.71 8.23 9.90
N GLY A 38 -1.69 7.50 11.01
CA GLY A 38 -1.18 6.14 11.00
C GLY A 38 -2.20 5.22 10.35
N PHE A 39 -1.73 4.11 9.79
CA PHE A 39 -2.62 3.17 9.12
C PHE A 39 -2.33 1.72 9.47
N LEU A 40 -3.40 0.94 9.56
CA LEU A 40 -3.29 -0.49 9.81
C LEU A 40 -3.65 -1.15 8.49
N ALA A 41 -3.06 -2.31 8.22
CA ALA A 41 -3.33 -3.03 6.98
C ALA A 41 -4.12 -4.29 7.31
N ALA A 42 -5.34 -4.40 6.78
CA ALA A 42 -6.15 -5.58 7.03
C ALA A 42 -5.95 -6.62 5.94
N GLY A 43 -5.20 -6.25 4.90
CA GLY A 43 -4.94 -7.15 3.80
C GLY A 43 -4.29 -8.46 4.23
N TYR A 44 -4.89 -9.56 3.79
CA TYR A 44 -4.41 -10.91 4.10
C TYR A 44 -4.65 -11.37 5.54
N LYS A 45 -5.23 -10.52 6.38
CA LYS A 45 -5.51 -10.93 7.76
C LYS A 45 -6.96 -11.37 7.85
N THR A 46 -7.33 -12.02 8.95
CA THR A 46 -8.71 -12.44 9.16
C THR A 46 -9.38 -11.23 9.80
N ALA A 47 -10.70 -11.20 9.81
CA ALA A 47 -11.42 -10.08 10.42
C ALA A 47 -11.00 -9.97 11.89
N ASP A 48 -10.73 -11.11 12.52
CA ASP A 48 -10.33 -11.10 13.91
C ASP A 48 -8.93 -10.51 14.09
N GLY A 49 -8.01 -10.90 13.20
CA GLY A 49 -6.66 -10.38 13.28
C GLY A 49 -6.69 -8.87 13.16
N MET A 50 -7.47 -8.37 12.20
CA MET A 50 -7.60 -6.94 11.99
C MET A 50 -8.16 -6.31 13.26
N TYR A 51 -9.22 -6.91 13.81
CA TYR A 51 -9.84 -6.36 15.00
C TYR A 51 -8.89 -6.26 16.18
N GLN A 52 -8.04 -7.25 16.37
CA GLN A 52 -7.08 -7.23 17.47
C GLN A 52 -6.11 -6.05 17.33
N GLU A 53 -5.67 -5.77 16.10
CA GLU A 53 -4.75 -4.66 15.90
C GLU A 53 -5.45 -3.33 16.18
N ILE A 54 -6.69 -3.23 15.75
CA ILE A 54 -7.46 -2.00 15.97
C ILE A 54 -7.54 -1.73 17.48
N LYS A 55 -7.86 -2.75 18.25
CA LYS A 55 -7.95 -2.59 19.71
C LYS A 55 -6.59 -2.22 20.28
N ARG A 56 -5.55 -2.90 19.80
CA ARG A 56 -4.18 -2.66 20.23
C ARG A 56 -3.82 -1.19 20.03
N LEU A 57 -4.06 -0.70 18.82
CA LEU A 57 -3.75 0.68 18.46
C LEU A 57 -4.50 1.72 19.30
N ARG A 58 -5.77 1.46 19.60
CA ARG A 58 -6.56 2.39 20.41
C ARG A 58 -5.95 2.52 21.79
N GLY A 59 -5.24 1.49 22.23
CA GLY A 59 -4.59 1.51 23.52
C GLY A 59 -3.26 2.23 23.43
N LEU A 60 -2.78 2.44 22.20
CA LEU A 60 -1.51 3.13 21.99
C LEU A 60 -1.70 4.60 21.69
N THR A 61 -2.82 4.95 21.05
CA THR A 61 -3.09 6.34 20.72
C THR A 61 -4.57 6.65 20.68
N GLY A 62 -4.92 7.88 21.00
CA GLY A 62 -6.31 8.29 20.97
C GLY A 62 -6.56 9.14 19.74
N ARG A 63 -5.51 9.30 18.92
CA ARG A 63 -5.60 10.10 17.71
C ARG A 63 -6.15 9.31 16.52
N PRO A 64 -6.69 9.99 15.50
CA PRO A 64 -7.25 9.33 14.32
C PRO A 64 -6.25 8.46 13.56
N PHE A 65 -6.75 7.33 13.06
CA PHE A 65 -5.94 6.38 12.31
C PHE A 65 -6.82 5.73 11.25
N GLY A 66 -6.20 5.02 10.32
CA GLY A 66 -6.96 4.37 9.28
C GLY A 66 -6.74 2.87 9.23
N VAL A 67 -7.65 2.19 8.55
CA VAL A 67 -7.59 0.75 8.35
C VAL A 67 -7.85 0.54 6.86
N ASN A 68 -7.00 -0.22 6.20
CA ASN A 68 -7.14 -0.46 4.76
C ASN A 68 -7.61 -1.88 4.49
N VAL A 69 -8.55 -2.02 3.56
CA VAL A 69 -9.07 -3.35 3.22
C VAL A 69 -9.00 -3.60 1.72
N PHE A 70 -8.81 -4.87 1.34
CA PHE A 70 -8.73 -5.23 -0.08
C PHE A 70 -10.11 -5.60 -0.60
N MET A 71 -10.40 -5.17 -1.83
CA MET A 71 -11.68 -5.48 -2.46
C MET A 71 -11.64 -6.94 -2.90
N PRO A 72 -12.78 -7.64 -2.80
CA PRO A 72 -12.81 -9.04 -3.22
C PRO A 72 -12.45 -9.08 -4.71
N GLN A 73 -11.80 -10.15 -5.14
CA GLN A 73 -11.42 -10.28 -6.54
C GLN A 73 -12.19 -11.43 -7.19
N PRO A 74 -12.71 -11.21 -8.40
CA PRO A 74 -13.46 -12.26 -9.10
C PRO A 74 -12.53 -13.37 -9.58
N GLU A 75 -13.08 -14.57 -9.70
CA GLU A 75 -12.31 -15.72 -10.16
C GLU A 75 -11.91 -15.53 -11.62
N LEU A 76 -10.81 -16.14 -12.04
CA LEU A 76 -10.36 -16.01 -13.42
C LEU A 76 -11.30 -16.73 -14.38
N GLY A 80 -5.33 -22.31 -16.57
CA GLY A 80 -4.26 -22.79 -17.42
C GLY A 80 -2.93 -22.09 -17.17
N ALA A 81 -2.96 -20.76 -17.12
CA ALA A 81 -1.74 -19.98 -16.89
C ALA A 81 -1.17 -20.25 -15.50
N VAL A 82 -2.05 -20.36 -14.51
CA VAL A 82 -1.65 -20.60 -13.13
C VAL A 82 -0.92 -21.94 -13.01
N GLU A 83 -1.45 -22.95 -13.71
CA GLU A 83 -0.86 -24.28 -13.71
C GLU A 83 0.56 -24.24 -14.28
N VAL A 84 0.73 -23.50 -15.36
CA VAL A 84 2.03 -23.37 -16.01
C VAL A 84 3.04 -22.64 -15.11
N TYR A 85 2.58 -21.59 -14.45
CA TYR A 85 3.47 -20.82 -13.57
C TYR A 85 3.87 -21.68 -12.38
N ALA A 86 2.91 -22.42 -11.83
CA ALA A 86 3.18 -23.30 -10.70
C ALA A 86 4.30 -24.26 -11.09
N HIS A 87 4.18 -24.82 -12.29
CA HIS A 87 5.16 -25.76 -12.79
C HIS A 87 6.54 -25.11 -12.82
N GLN A 88 6.60 -23.89 -13.35
CA GLN A 88 7.85 -23.15 -13.45
C GLN A 88 8.44 -22.81 -12.09
N LEU A 89 7.65 -22.93 -11.04
CA LEU A 89 8.11 -22.64 -9.68
C LEU A 89 8.54 -23.90 -8.94
N ALA A 90 8.48 -25.05 -9.60
CA ALA A 90 8.86 -26.31 -8.97
C ALA A 90 10.26 -26.24 -8.38
N GLY A 91 11.17 -25.59 -9.09
CA GLY A 91 12.54 -25.47 -8.62
C GLY A 91 12.61 -24.67 -7.32
N GLU A 92 11.84 -23.60 -7.25
CA GLU A 92 11.80 -22.76 -6.06
C GLU A 92 11.30 -23.57 -4.86
N ALA A 93 10.25 -24.35 -5.10
CA ALA A 93 9.66 -25.19 -4.06
C ALA A 93 10.70 -26.17 -3.51
N ALA A 94 11.42 -26.83 -4.41
CA ALA A 94 12.44 -27.80 -4.00
C ALA A 94 13.57 -27.11 -3.24
N TRP A 95 14.05 -25.98 -3.78
CA TRP A 95 15.14 -25.25 -3.15
C TRP A 95 14.79 -24.77 -1.74
N TYR A 96 13.63 -24.14 -1.59
CA TYR A 96 13.21 -23.65 -0.29
C TYR A 96 12.58 -24.77 0.51
N GLU A 97 12.62 -25.98 -0.05
CA GLU A 97 12.08 -27.17 0.61
C GLU A 97 10.69 -26.97 1.20
N THR A 98 9.77 -26.51 0.37
CA THR A 98 8.41 -26.27 0.82
C THR A 98 7.46 -26.41 -0.37
N GLU A 99 6.21 -26.72 -0.07
CA GLU A 99 5.19 -26.90 -1.09
C GLU A 99 4.60 -25.56 -1.51
N LEU A 100 4.19 -25.44 -2.77
CA LEU A 100 3.57 -24.21 -3.24
C LEU A 100 2.21 -24.16 -2.56
N GLY A 101 1.70 -22.95 -2.32
CA GLY A 101 0.41 -22.81 -1.68
C GLY A 101 -0.73 -23.13 -2.63
N ASP A 102 -1.92 -23.30 -2.10
CA ASP A 102 -3.09 -23.60 -2.93
C ASP A 102 -3.50 -22.31 -3.64
N PRO A 103 -3.49 -22.31 -4.98
CA PRO A 103 -3.87 -21.11 -5.73
C PRO A 103 -5.30 -20.67 -5.48
N ASP A 104 -6.14 -21.61 -5.05
CA ASP A 104 -7.54 -21.31 -4.78
C ASP A 104 -7.76 -21.24 -3.27
N GLY A 105 -7.14 -20.25 -2.63
CA GLY A 105 -7.28 -20.11 -1.19
C GLY A 105 -7.91 -18.81 -0.71
N GLY A 106 -9.01 -18.40 -1.36
CA GLY A 106 -9.68 -17.18 -0.94
C GLY A 106 -9.47 -15.97 -1.83
N ARG A 107 -10.57 -15.34 -2.26
CA ARG A 107 -10.49 -14.16 -3.12
C ARG A 107 -11.17 -12.94 -2.49
N ASP A 108 -11.94 -13.18 -1.43
CA ASP A 108 -12.67 -12.12 -0.75
C ASP A 108 -11.87 -11.46 0.36
N ASP A 109 -10.87 -12.18 0.88
CA ASP A 109 -10.01 -11.69 1.95
C ASP A 109 -10.79 -11.21 3.18
N GLY A 110 -11.86 -11.92 3.51
CA GLY A 110 -12.67 -11.59 4.67
C GLY A 110 -13.42 -10.28 4.60
N TYR A 111 -13.62 -9.77 3.39
CA TYR A 111 -14.30 -8.50 3.16
C TYR A 111 -15.58 -8.31 3.98
N ASP A 112 -16.52 -9.25 3.86
CA ASP A 112 -17.79 -9.14 4.58
C ASP A 112 -17.62 -9.07 6.09
N ALA A 113 -16.79 -9.96 6.63
CA ALA A 113 -16.55 -10.00 8.07
C ALA A 113 -15.82 -8.74 8.55
N LYS A 114 -14.90 -8.25 7.73
CA LYS A 114 -14.15 -7.06 8.10
C LYS A 114 -15.06 -5.84 8.12
N LEU A 115 -15.97 -5.75 7.15
CA LEU A 115 -16.90 -4.62 7.08
C LEU A 115 -17.81 -4.65 8.30
N ALA A 116 -18.19 -5.84 8.73
CA ALA A 116 -19.05 -6.00 9.89
C ALA A 116 -18.35 -5.41 11.11
N VAL A 117 -17.07 -5.70 11.23
CA VAL A 117 -16.27 -5.18 12.34
C VAL A 117 -16.14 -3.65 12.28
N LEU A 118 -15.80 -3.14 11.10
CA LEU A 118 -15.63 -1.71 10.90
C LEU A 118 -16.92 -0.90 11.08
N LEU A 119 -18.06 -1.56 10.84
CA LEU A 119 -19.33 -0.89 10.99
C LEU A 119 -19.86 -1.03 12.42
N ASP A 120 -19.52 -2.12 13.08
CA ASP A 120 -19.99 -2.33 14.45
C ASP A 120 -19.18 -1.52 15.47
N ASP A 121 -17.91 -1.26 15.14
CA ASP A 121 -17.03 -0.50 16.02
C ASP A 121 -16.19 0.43 15.12
N PRO A 122 -16.85 1.44 14.52
CA PRO A 122 -16.24 2.43 13.62
C PRO A 122 -14.85 2.97 13.95
N VAL A 123 -14.02 3.10 12.91
CA VAL A 123 -12.69 3.66 13.06
C VAL A 123 -12.74 5.00 12.32
N PRO A 124 -11.78 5.89 12.59
CA PRO A 124 -11.78 7.20 11.92
C PRO A 124 -11.71 7.21 10.40
N VAL A 125 -10.84 6.38 9.84
CA VAL A 125 -10.65 6.33 8.39
C VAL A 125 -10.50 4.90 7.87
N VAL A 126 -11.12 4.64 6.72
CA VAL A 126 -11.03 3.33 6.09
C VAL A 126 -10.70 3.57 4.62
N SER A 127 -9.71 2.85 4.10
CA SER A 127 -9.34 2.99 2.70
C SER A 127 -9.50 1.64 2.01
N PHE A 128 -9.70 1.66 0.71
CA PHE A 128 -9.89 0.43 -0.06
C PHE A 128 -8.86 0.32 -1.18
N HIS A 129 -8.42 -0.89 -1.46
CA HIS A 129 -7.44 -1.12 -2.52
C HIS A 129 -7.95 -2.19 -3.47
N PHE A 130 -7.55 -2.09 -4.74
CA PHE A 130 -7.92 -3.04 -5.78
C PHE A 130 -9.36 -2.87 -6.27
N GLY A 131 -9.85 -1.64 -6.28
CA GLY A 131 -11.21 -1.40 -6.73
C GLY A 131 -11.98 -0.41 -5.89
N VAL A 132 -13.29 -0.32 -6.17
CA VAL A 132 -14.18 0.60 -5.47
C VAL A 132 -15.35 -0.16 -4.85
N PRO A 133 -15.68 0.14 -3.59
CA PRO A 133 -16.79 -0.52 -2.89
C PRO A 133 -18.14 -0.06 -3.44
N ASP A 134 -19.18 -0.86 -3.21
CA ASP A 134 -20.53 -0.52 -3.63
C ASP A 134 -20.81 0.81 -2.93
N ARG A 135 -21.58 1.68 -3.55
CA ARG A 135 -21.86 2.98 -2.93
C ARG A 135 -22.64 2.83 -1.62
N GLU A 136 -23.24 1.65 -1.41
CA GLU A 136 -23.98 1.41 -0.17
C GLU A 136 -22.99 1.23 0.97
N VAL A 137 -21.84 0.63 0.67
CA VAL A 137 -20.79 0.43 1.67
C VAL A 137 -20.25 1.79 2.11
N ILE A 138 -19.97 2.65 1.14
CA ILE A 138 -19.46 3.98 1.41
C ILE A 138 -20.49 4.75 2.26
N ALA A 139 -21.76 4.65 1.89
CA ALA A 139 -22.82 5.35 2.61
C ALA A 139 -22.94 4.86 4.06
N ARG A 140 -22.90 3.56 4.27
CA ARG A 140 -23.02 3.04 5.63
C ARG A 140 -21.84 3.47 6.50
N LEU A 141 -20.64 3.45 5.93
CA LEU A 141 -19.46 3.86 6.69
C LEU A 141 -19.56 5.35 7.02
N ARG A 142 -20.04 6.12 6.05
CA ARG A 142 -20.21 7.56 6.26
C ARG A 142 -21.16 7.81 7.42
N ARG A 143 -22.28 7.08 7.45
CA ARG A 143 -23.26 7.24 8.52
C ARG A 143 -22.64 6.89 9.87
N ALA A 144 -21.74 5.92 9.87
CA ALA A 144 -21.09 5.50 11.11
C ALA A 144 -20.03 6.51 11.55
N GLY A 145 -19.81 7.53 10.74
CA GLY A 145 -18.83 8.54 11.08
C GLY A 145 -17.42 8.27 10.59
N THR A 146 -17.26 7.34 9.66
CA THR A 146 -15.94 6.99 9.13
C THR A 146 -15.70 7.68 7.78
N LEU A 147 -14.50 8.23 7.59
CA LEU A 147 -14.15 8.86 6.33
C LEU A 147 -13.65 7.76 5.41
N THR A 148 -13.98 7.83 4.14
CA THR A 148 -13.59 6.79 3.20
C THR A 148 -12.64 7.26 2.11
N LEU A 149 -11.59 6.46 1.87
CA LEU A 149 -10.60 6.75 0.84
C LEU A 149 -10.50 5.55 -0.09
N VAL A 150 -10.20 5.81 -1.36
CA VAL A 150 -10.05 4.76 -2.35
C VAL A 150 -8.93 5.12 -3.32
N THR A 151 -8.09 4.15 -3.66
CA THR A 151 -7.00 4.41 -4.60
C THR A 151 -7.47 4.38 -6.06
N ALA A 152 -6.87 5.25 -6.87
CA ALA A 152 -7.16 5.33 -8.29
C ALA A 152 -5.80 5.56 -8.97
N THR A 153 -5.61 4.98 -10.15
CA THR A 153 -4.33 5.16 -10.85
C THR A 153 -4.48 5.94 -12.16
N THR A 154 -5.72 6.29 -12.49
CA THR A 154 -6.04 7.05 -13.70
C THR A 154 -7.17 8.01 -13.39
N PRO A 155 -7.36 9.04 -14.23
CA PRO A 155 -8.46 9.96 -13.93
C PRO A 155 -9.82 9.25 -14.04
N GLU A 156 -9.88 8.22 -14.88
CA GLU A 156 -11.13 7.46 -15.04
C GLU A 156 -11.46 6.76 -13.72
N GLU A 157 -10.47 6.09 -13.14
CA GLU A 157 -10.68 5.41 -11.87
C GLU A 157 -11.02 6.39 -10.77
N ALA A 158 -10.41 7.58 -10.80
CA ALA A 158 -10.68 8.59 -9.78
C ALA A 158 -12.14 9.06 -9.89
N ARG A 159 -12.65 9.20 -11.11
CA ARG A 159 -14.04 9.61 -11.29
C ARG A 159 -14.97 8.54 -10.71
N ALA A 160 -14.56 7.28 -10.83
CA ALA A 160 -15.34 6.16 -10.30
C ALA A 160 -15.35 6.22 -8.77
N VAL A 161 -14.22 6.61 -8.19
CA VAL A 161 -14.13 6.72 -6.74
C VAL A 161 -15.10 7.81 -6.26
N GLU A 162 -15.09 8.95 -6.94
CA GLU A 162 -15.96 10.06 -6.59
C GLU A 162 -17.43 9.68 -6.77
N ALA A 163 -17.74 9.04 -7.90
CA ALA A 163 -19.12 8.62 -8.18
C ALA A 163 -19.66 7.68 -7.10
N ALA A 164 -18.77 6.93 -6.45
CA ALA A 164 -19.18 6.00 -5.41
C ALA A 164 -19.50 6.73 -4.11
N GLY A 165 -19.19 8.02 -4.07
CA GLY A 165 -19.47 8.81 -2.88
C GLY A 165 -18.35 8.86 -1.86
N ALA A 166 -17.18 8.33 -2.20
CA ALA A 166 -16.03 8.33 -1.29
C ALA A 166 -15.63 9.76 -0.90
N ASP A 167 -15.05 9.91 0.29
CA ASP A 167 -14.64 11.24 0.76
C ASP A 167 -13.39 11.79 0.09
N ALA A 168 -12.50 10.89 -0.33
CA ALA A 168 -11.26 11.34 -0.98
C ALA A 168 -10.69 10.21 -1.80
N VAL A 169 -9.89 10.56 -2.79
CA VAL A 169 -9.27 9.58 -3.66
C VAL A 169 -7.77 9.62 -3.45
N ILE A 170 -7.13 8.46 -3.45
CA ILE A 170 -5.68 8.38 -3.31
C ILE A 170 -5.13 8.22 -4.71
N ALA A 171 -4.47 9.25 -5.22
CA ALA A 171 -3.88 9.18 -6.56
C ALA A 171 -2.52 8.54 -6.42
N GLN A 172 -2.44 7.26 -6.76
CA GLN A 172 -1.20 6.51 -6.65
C GLN A 172 -0.48 6.46 -8.00
N GLY A 173 0.70 7.09 -8.05
CA GLY A 173 1.47 7.12 -9.28
C GLY A 173 2.24 5.84 -9.56
N VAL A 174 2.84 5.79 -10.74
CA VAL A 174 3.59 4.61 -11.16
C VAL A 174 4.82 4.35 -10.29
N GLU A 175 5.34 5.40 -9.65
CA GLU A 175 6.53 5.27 -8.80
C GLU A 175 6.30 4.51 -7.49
N ALA A 176 5.05 4.39 -7.09
CA ALA A 176 4.66 3.72 -5.85
C ALA A 176 5.23 2.33 -5.62
N GLY A 177 5.49 2.01 -4.36
CA GLY A 177 6.00 0.69 -4.01
C GLY A 177 4.80 -0.20 -3.74
N GLY A 178 5.00 -1.52 -3.83
CA GLY A 178 3.89 -2.43 -3.57
C GLY A 178 2.92 -2.51 -4.74
N HIS A 179 1.71 -2.97 -4.46
CA HIS A 179 0.70 -3.13 -5.50
C HIS A 179 0.08 -1.87 -6.09
N GLN A 180 -0.03 -1.85 -7.41
CA GLN A 180 -0.66 -0.74 -8.10
C GLN A 180 -2.14 -0.96 -7.77
N GLY A 181 -2.83 0.11 -7.38
CA GLY A 181 -4.24 0.00 -7.02
C GLY A 181 -5.22 0.09 -8.18
N THR A 182 -4.88 -0.51 -9.31
CA THR A 182 -5.78 -0.51 -10.47
C THR A 182 -7.06 -1.25 -10.07
N HIS A 183 -8.20 -0.78 -10.56
CA HIS A 183 -9.47 -1.41 -10.22
C HIS A 183 -9.68 -2.75 -10.91
N ARG A 184 -8.96 -2.94 -12.01
CA ARG A 184 -9.00 -4.17 -12.79
C ARG A 184 -7.61 -4.36 -13.39
N ASP A 185 -7.09 -5.58 -13.33
CA ASP A 185 -5.77 -5.86 -13.88
C ASP A 185 -5.81 -6.57 -15.22
N SER A 186 -5.07 -6.04 -16.19
CA SER A 186 -4.99 -6.64 -17.52
C SER A 186 -3.64 -6.33 -18.14
N SER A 187 -3.24 -7.17 -19.08
CA SER A 187 -1.96 -7.01 -19.77
C SER A 187 -1.79 -5.60 -20.33
N GLU A 188 -2.89 -4.93 -20.63
CA GLU A 188 -2.84 -3.58 -21.18
C GLU A 188 -2.25 -2.55 -20.21
N ASP A 189 -2.42 -2.77 -18.92
CA ASP A 189 -1.88 -1.84 -17.93
C ASP A 189 -0.36 -1.83 -17.99
N ASP A 190 0.20 -2.87 -18.60
CA ASP A 190 1.64 -3.00 -18.74
C ASP A 190 2.21 -1.85 -19.56
N GLY A 191 2.96 -0.98 -18.90
CA GLY A 191 3.56 0.15 -19.59
C GLY A 191 2.66 1.36 -19.70
N ALA A 192 1.53 1.33 -19.01
CA ALA A 192 0.58 2.43 -19.05
C ALA A 192 0.61 3.28 -17.77
N GLY A 193 1.48 2.90 -16.82
CA GLY A 193 1.58 3.64 -15.56
C GLY A 193 1.88 5.12 -15.70
N ILE A 194 1.12 5.94 -14.99
CA ILE A 194 1.28 7.39 -15.04
C ILE A 194 2.12 7.97 -13.90
N GLY A 195 3.09 8.82 -14.24
CA GLY A 195 3.92 9.45 -13.22
C GLY A 195 3.04 10.23 -12.27
N LEU A 196 3.35 10.21 -10.98
CA LEU A 196 2.52 10.90 -9.99
C LEU A 196 2.21 12.37 -10.28
N LEU A 197 3.23 13.15 -10.66
CA LEU A 197 3.01 14.57 -10.93
C LEU A 197 1.98 14.78 -12.03
N SER A 198 1.95 13.88 -13.00
CA SER A 198 1.01 13.99 -14.09
C SER A 198 -0.35 13.46 -13.64
N LEU A 199 -0.37 12.32 -12.97
CA LEU A 199 -1.63 11.74 -12.48
C LEU A 199 -2.34 12.70 -11.54
N LEU A 200 -1.59 13.32 -10.63
CA LEU A 200 -2.17 14.26 -9.68
C LEU A 200 -2.93 15.40 -10.36
N ALA A 201 -2.29 16.01 -11.35
CA ALA A 201 -2.92 17.12 -12.06
C ALA A 201 -4.18 16.68 -12.79
N GLN A 202 -4.12 15.50 -13.42
CA GLN A 202 -5.26 14.96 -14.15
C GLN A 202 -6.42 14.66 -13.19
N VAL A 203 -6.11 14.01 -12.07
CA VAL A 203 -7.13 13.67 -11.09
C VAL A 203 -7.76 14.93 -10.49
N ARG A 204 -6.93 15.92 -10.17
CA ARG A 204 -7.42 17.17 -9.60
C ARG A 204 -8.46 17.85 -10.51
N GLU A 205 -8.28 17.72 -11.82
CA GLU A 205 -9.23 18.33 -12.75
C GLU A 205 -10.39 17.41 -13.11
N ALA A 206 -10.29 16.14 -12.73
CA ALA A 206 -11.34 15.18 -13.02
C ALA A 206 -12.38 15.03 -11.92
N VAL A 207 -11.98 15.30 -10.67
CA VAL A 207 -12.90 15.18 -9.56
C VAL A 207 -12.84 16.42 -8.67
N ASP A 208 -13.81 16.56 -7.77
CA ASP A 208 -13.85 17.71 -6.87
C ASP A 208 -13.54 17.34 -5.42
N ILE A 209 -13.40 16.05 -5.14
CA ILE A 209 -13.10 15.61 -3.79
C ILE A 209 -11.59 15.72 -3.53
N PRO A 210 -11.19 15.76 -2.23
CA PRO A 210 -9.78 15.86 -1.83
C PRO A 210 -8.94 14.73 -2.41
N VAL A 211 -7.68 15.04 -2.72
CA VAL A 211 -6.78 14.05 -3.28
C VAL A 211 -5.56 13.81 -2.40
N VAL A 212 -5.24 12.54 -2.17
CA VAL A 212 -4.08 12.15 -1.39
C VAL A 212 -3.10 11.60 -2.41
N ALA A 213 -1.94 12.25 -2.53
CA ALA A 213 -0.92 11.83 -3.48
C ALA A 213 -0.02 10.72 -2.92
N ALA A 214 0.24 9.70 -3.73
CA ALA A 214 1.08 8.58 -3.29
C ALA A 214 2.01 8.07 -4.38
N GLY A 215 3.26 7.79 -3.99
CA GLY A 215 4.23 7.25 -4.94
C GLY A 215 5.58 7.95 -4.99
N GLY A 216 6.59 7.31 -4.42
CA GLY A 216 7.94 7.88 -4.44
C GLY A 216 8.24 9.05 -3.52
N ILE A 217 7.31 9.40 -2.64
CA ILE A 217 7.51 10.53 -1.73
C ILE A 217 8.39 10.16 -0.52
N MET A 218 9.61 10.70 -0.49
CA MET A 218 10.57 10.39 0.58
C MET A 218 11.04 11.61 1.35
N ARG A 219 10.77 12.80 0.83
CA ARG A 219 11.22 14.05 1.44
C ARG A 219 10.11 15.07 1.60
N GLY A 220 10.27 15.95 2.59
CA GLY A 220 9.26 16.97 2.83
C GLY A 220 9.06 17.87 1.62
N GLY A 221 10.12 18.08 0.83
CA GLY A 221 9.99 18.92 -0.34
C GLY A 221 9.05 18.34 -1.38
N GLN A 222 8.99 17.01 -1.44
CA GLN A 222 8.11 16.33 -2.36
C GLN A 222 6.68 16.44 -1.84
N ILE A 223 6.54 16.54 -0.52
CA ILE A 223 5.20 16.70 0.06
C ILE A 223 4.70 18.09 -0.34
N ALA A 224 5.58 19.08 -0.25
CA ALA A 224 5.22 20.45 -0.63
C ALA A 224 4.87 20.44 -2.11
N ALA A 225 5.61 19.65 -2.88
CA ALA A 225 5.38 19.55 -4.31
C ALA A 225 3.97 19.09 -4.63
N VAL A 226 3.54 17.98 -4.03
CA VAL A 226 2.19 17.48 -4.30
C VAL A 226 1.10 18.42 -3.81
N LEU A 227 1.36 19.13 -2.72
CA LEU A 227 0.38 20.08 -2.20
C LEU A 227 0.21 21.20 -3.21
N ALA A 228 1.33 21.66 -3.76
CA ALA A 228 1.33 22.72 -4.76
C ALA A 228 0.54 22.27 -5.99
N ALA A 229 0.59 20.98 -6.27
CA ALA A 229 -0.10 20.43 -7.44
C ALA A 229 -1.56 20.07 -7.20
N GLY A 230 -2.09 20.38 -6.01
CA GLY A 230 -3.49 20.07 -5.75
C GLY A 230 -3.84 19.01 -4.73
N ALA A 231 -2.84 18.31 -4.19
CA ALA A 231 -3.11 17.29 -3.19
C ALA A 231 -3.38 17.90 -1.83
N ASP A 232 -4.19 17.22 -1.03
CA ASP A 232 -4.51 17.67 0.33
C ASP A 232 -3.52 17.04 1.30
N ALA A 233 -2.94 15.92 0.91
CA ALA A 233 -1.98 15.23 1.76
C ALA A 233 -1.13 14.30 0.93
N ALA A 234 -0.08 13.79 1.54
CA ALA A 234 0.84 12.87 0.87
C ALA A 234 0.82 11.55 1.64
N GLN A 235 0.73 10.44 0.93
CA GLN A 235 0.74 9.12 1.56
C GLN A 235 2.07 8.47 1.24
N LEU A 236 2.78 8.07 2.30
CA LEU A 236 4.10 7.46 2.16
C LEU A 236 4.17 6.04 2.69
N GLY A 237 4.67 5.13 1.86
CA GLY A 237 4.82 3.75 2.27
C GLY A 237 6.29 3.45 2.53
N THR A 238 7.06 3.35 1.46
CA THR A 238 8.49 3.03 1.54
C THR A 238 9.27 3.85 2.57
N ALA A 239 8.96 5.15 2.68
CA ALA A 239 9.65 5.99 3.65
C ALA A 239 9.45 5.47 5.08
N PHE A 240 8.27 4.92 5.37
CA PHE A 240 8.00 4.39 6.71
C PHE A 240 8.40 2.92 6.87
N LEU A 241 8.55 2.22 5.74
CA LEU A 241 8.94 0.81 5.74
C LEU A 241 10.29 0.63 6.42
N ALA A 242 11.13 1.65 6.26
CA ALA A 242 12.48 1.66 6.80
C ALA A 242 12.62 2.09 8.26
N THR A 243 11.54 2.58 8.88
CA THR A 243 11.60 3.03 10.26
C THR A 243 11.65 1.88 11.26
N ASP A 244 12.08 2.18 12.48
CA ASP A 244 12.20 1.15 13.51
C ASP A 244 10.90 0.44 13.86
N GLU A 245 9.79 1.19 13.92
CA GLU A 245 8.49 0.59 14.26
C GLU A 245 7.96 -0.32 13.17
N SER A 246 8.48 -0.17 11.96
CA SER A 246 8.05 -1.00 10.84
C SER A 246 8.37 -2.46 11.13
N GLY A 247 7.44 -3.34 10.81
CA GLY A 247 7.66 -4.75 11.05
C GLY A 247 8.24 -5.48 9.85
N ALA A 248 8.70 -4.73 8.85
CA ALA A 248 9.28 -5.34 7.66
C ALA A 248 10.53 -6.11 8.05
N PRO A 249 10.75 -7.29 7.43
CA PRO A 249 11.91 -8.12 7.73
C PRO A 249 13.21 -7.36 7.53
N GLY A 250 14.22 -7.70 8.34
CA GLY A 250 15.51 -7.04 8.25
C GLY A 250 16.11 -7.06 6.85
N PRO A 251 16.06 -8.20 6.14
CA PRO A 251 16.62 -8.25 4.78
C PRO A 251 15.90 -7.30 3.84
N HIS A 252 14.63 -7.03 4.13
CA HIS A 252 13.83 -6.13 3.32
C HIS A 252 14.24 -4.69 3.60
N LYS A 253 14.38 -4.34 4.87
CA LYS A 253 14.80 -2.99 5.23
C LYS A 253 16.22 -2.74 4.71
N ARG A 254 17.07 -3.75 4.81
CA ARG A 254 18.46 -3.62 4.36
C ARG A 254 18.58 -3.43 2.84
N ALA A 255 17.72 -4.11 2.09
CA ALA A 255 17.75 -4.05 0.64
C ALA A 255 17.48 -2.66 0.07
N LEU A 256 16.62 -1.90 0.73
CA LEU A 256 16.24 -0.55 0.28
C LEU A 256 17.43 0.34 -0.09
N THR A 257 18.50 0.29 0.70
CA THR A 257 19.66 1.12 0.42
C THR A 257 20.88 0.34 -0.07
N ASP A 258 20.69 -0.95 -0.30
CA ASP A 258 21.78 -1.81 -0.77
C ASP A 258 22.02 -1.58 -2.26
N PRO A 259 23.24 -1.12 -2.62
CA PRO A 259 23.60 -0.86 -4.02
C PRO A 259 23.32 -2.05 -4.94
N LEU A 260 23.30 -3.24 -4.36
CA LEU A 260 23.05 -4.46 -5.14
C LEU A 260 21.58 -4.59 -5.54
N PHE A 261 20.74 -3.72 -4.98
CA PHE A 261 19.32 -3.68 -5.28
C PHE A 261 19.05 -2.24 -5.69
N ALA A 262 19.82 -1.78 -6.67
CA ALA A 262 19.72 -0.41 -7.15
C ALA A 262 18.44 -0.04 -7.90
N ARG A 263 17.74 -1.02 -8.47
CA ARG A 263 16.55 -0.68 -9.22
C ARG A 263 15.29 -1.45 -8.83
N THR A 264 14.14 -0.90 -9.23
CA THR A 264 12.85 -1.51 -8.98
C THR A 264 12.13 -1.71 -10.30
N ARG A 265 11.12 -2.56 -10.28
CA ARG A 265 10.32 -2.85 -11.46
C ARG A 265 8.95 -3.34 -11.03
N LEU A 266 7.96 -3.08 -11.88
CA LEU A 266 6.61 -3.56 -11.60
C LEU A 266 6.62 -5.00 -12.11
N THR A 267 6.07 -5.92 -11.33
CA THR A 267 6.04 -7.32 -11.73
C THR A 267 4.86 -8.07 -11.13
N ARG A 268 4.48 -9.16 -11.79
CA ARG A 268 3.40 -10.02 -11.32
C ARG A 268 4.01 -11.29 -10.76
N ALA A 269 5.35 -11.35 -10.76
CA ALA A 269 6.06 -12.53 -10.29
C ALA A 269 5.64 -13.09 -8.94
N PHE A 270 5.44 -12.22 -7.96
CA PHE A 270 5.09 -12.67 -6.62
C PHE A 270 3.61 -12.89 -6.31
N THR A 271 2.73 -12.09 -6.93
CA THR A 271 1.32 -12.18 -6.61
C THR A 271 0.34 -12.29 -7.77
N GLY A 272 0.81 -12.13 -9.00
CA GLY A 272 -0.08 -12.21 -10.13
C GLY A 272 -0.73 -10.88 -10.47
N ARG A 273 -0.32 -9.83 -9.78
CA ARG A 273 -0.83 -8.48 -10.04
C ARG A 273 0.38 -7.55 -10.04
N PRO A 274 0.36 -6.49 -10.85
CA PRO A 274 1.49 -5.56 -10.91
C PRO A 274 1.83 -4.90 -9.58
N ALA A 275 3.06 -5.11 -9.12
CA ALA A 275 3.51 -4.54 -7.86
C ALA A 275 5.00 -4.19 -8.00
N ARG A 276 5.39 -3.02 -7.51
CA ARG A 276 6.78 -2.59 -7.62
C ARG A 276 7.67 -3.14 -6.50
N SER A 277 8.68 -3.88 -6.90
CA SER A 277 9.62 -4.52 -5.99
C SER A 277 11.06 -4.25 -6.44
N LEU A 278 12.01 -4.38 -5.52
CA LEU A 278 13.42 -4.21 -5.86
C LEU A 278 13.72 -5.42 -6.75
N VAL A 279 14.48 -5.23 -7.81
CA VAL A 279 14.80 -6.34 -8.71
C VAL A 279 15.72 -7.32 -7.99
N ASN A 280 15.32 -8.58 -7.93
CA ASN A 280 16.13 -9.61 -7.29
C ASN A 280 16.04 -10.87 -8.14
N ARG A 281 16.66 -11.95 -7.68
CA ARG A 281 16.67 -13.21 -8.42
C ARG A 281 15.29 -13.69 -8.83
N PHE A 282 14.38 -13.80 -7.87
CA PHE A 282 13.03 -14.27 -8.15
C PHE A 282 12.37 -13.45 -9.24
N LEU A 283 12.50 -12.13 -9.14
CA LEU A 283 11.89 -11.24 -10.13
C LEU A 283 12.51 -11.45 -11.51
N ARG A 284 13.84 -11.49 -11.58
CA ARG A 284 14.52 -11.68 -12.85
C ARG A 284 14.13 -13.00 -13.51
N GLU A 285 14.03 -14.05 -12.72
CA GLU A 285 13.71 -15.37 -13.23
C GLU A 285 12.25 -15.64 -13.64
N HIS A 286 11.32 -15.22 -12.79
CA HIS A 286 9.91 -15.48 -13.05
C HIS A 286 9.08 -14.28 -13.53
N GLY A 287 9.59 -13.08 -13.30
CA GLY A 287 8.85 -11.89 -13.71
C GLY A 287 8.37 -11.90 -15.15
N PRO A 288 9.23 -12.22 -16.13
CA PRO A 288 8.86 -12.24 -17.55
C PRO A 288 7.73 -13.22 -17.91
N TYR A 289 7.47 -14.20 -17.04
CA TYR A 289 6.46 -15.20 -17.34
C TYR A 289 5.26 -15.23 -16.40
N ALA A 290 5.27 -14.35 -15.40
CA ALA A 290 4.19 -14.29 -14.42
C ALA A 290 2.87 -13.89 -15.06
N PRO A 291 1.83 -14.72 -14.87
CA PRO A 291 0.50 -14.45 -15.43
C PRO A 291 -0.35 -13.52 -14.56
N ALA A 292 -1.36 -12.91 -15.15
CA ALA A 292 -2.26 -12.03 -14.44
C ALA A 292 -3.27 -12.93 -13.74
N ALA A 293 -2.97 -13.29 -12.51
CA ALA A 293 -3.86 -14.18 -11.73
C ALA A 293 -3.72 -13.91 -10.24
N TYR A 294 -4.47 -12.92 -9.77
CA TYR A 294 -4.44 -12.54 -8.36
C TYR A 294 -5.77 -12.88 -7.69
N PRO A 295 -5.75 -13.34 -6.43
CA PRO A 295 -4.58 -13.55 -5.58
C PRO A 295 -4.02 -14.97 -5.75
N ASP A 296 -4.44 -15.65 -6.81
CA ASP A 296 -4.00 -17.02 -7.08
C ASP A 296 -2.49 -17.17 -6.95
N VAL A 297 -1.75 -16.33 -7.69
CA VAL A 297 -0.29 -16.40 -7.65
C VAL A 297 0.23 -16.07 -6.25
N HIS A 298 -0.40 -15.11 -5.59
CA HIS A 298 -0.01 -14.72 -4.25
C HIS A 298 -0.06 -15.94 -3.31
N HIS A 299 -1.14 -16.71 -3.39
CA HIS A 299 -1.28 -17.90 -2.54
C HIS A 299 -0.21 -18.91 -2.91
N LEU A 300 0.02 -19.04 -4.21
CA LEU A 300 0.99 -19.97 -4.75
C LEU A 300 2.42 -19.76 -4.21
N THR A 301 2.85 -18.49 -4.18
CA THR A 301 4.21 -18.16 -3.74
C THR A 301 4.39 -17.84 -2.26
N SER A 302 3.29 -17.61 -1.54
CA SER A 302 3.38 -17.27 -0.13
C SER A 302 4.34 -18.14 0.66
N PRO A 303 4.25 -19.48 0.51
CA PRO A 303 5.14 -20.40 1.22
C PRO A 303 6.60 -20.17 0.83
N LEU A 304 6.84 -19.88 -0.45
CA LEU A 304 8.19 -19.64 -0.93
C LEU A 304 8.77 -18.40 -0.26
N ARG A 305 7.98 -17.33 -0.22
CA ARG A 305 8.41 -16.10 0.39
C ARG A 305 8.65 -16.24 1.89
N LYS A 306 7.82 -17.03 2.56
CA LYS A 306 7.99 -17.26 3.99
C LYS A 306 9.32 -17.97 4.24
N ALA A 307 9.59 -18.99 3.43
CA ALA A 307 10.83 -19.75 3.57
C ALA A 307 12.04 -18.85 3.34
N ALA A 308 11.98 -18.04 2.29
CA ALA A 308 13.07 -17.14 1.95
C ALA A 308 13.33 -16.16 3.09
N ALA A 309 12.24 -15.61 3.64
CA ALA A 309 12.34 -14.66 4.74
C ALA A 309 12.98 -15.33 5.95
N LYS A 310 12.52 -16.55 6.25
CA LYS A 310 13.04 -17.30 7.38
C LYS A 310 14.57 -17.42 7.25
N ALA A 311 15.04 -17.69 6.04
CA ALA A 311 16.47 -17.85 5.78
C ALA A 311 17.20 -16.53 5.62
N GLY A 312 16.46 -15.43 5.56
CA GLY A 312 17.08 -14.13 5.41
C GLY A 312 17.57 -13.91 3.99
N ASP A 313 17.01 -14.65 3.04
CA ASP A 313 17.39 -14.55 1.63
C ASP A 313 16.53 -13.54 0.87
N ALA A 314 17.03 -12.32 0.76
CA ALA A 314 16.33 -11.25 0.07
C ALA A 314 16.06 -11.52 -1.41
N GLN A 315 16.80 -12.45 -2.00
CA GLN A 315 16.61 -12.76 -3.42
C GLN A 315 15.34 -13.54 -3.72
N GLY A 316 14.70 -14.07 -2.68
CA GLY A 316 13.47 -14.83 -2.88
C GLY A 316 12.28 -14.17 -2.23
N MET A 317 12.46 -12.93 -1.82
CA MET A 317 11.39 -12.18 -1.16
C MET A 317 10.76 -11.12 -2.05
N ALA A 318 9.54 -10.74 -1.71
CA ALA A 318 8.83 -9.69 -2.44
C ALA A 318 9.26 -8.37 -1.80
N LEU A 319 10.35 -7.81 -2.31
CA LEU A 319 10.91 -6.56 -1.79
C LEU A 319 10.16 -5.30 -2.24
N TRP A 320 8.90 -5.18 -1.86
CA TRP A 320 8.08 -4.02 -2.24
C TRP A 320 8.82 -2.72 -1.90
N ALA A 321 8.90 -1.81 -2.87
CA ALA A 321 9.59 -0.54 -2.66
C ALA A 321 9.30 0.43 -3.79
N GLY A 322 9.11 1.70 -3.46
CA GLY A 322 8.85 2.71 -4.46
C GLY A 322 10.16 3.13 -5.09
N GLN A 323 10.10 3.92 -6.16
CA GLN A 323 11.31 4.34 -6.85
C GLN A 323 12.23 5.24 -6.02
N GLY A 324 11.75 5.73 -4.89
CA GLY A 324 12.57 6.58 -4.05
C GLY A 324 13.21 5.82 -2.90
N HIS A 325 13.23 4.48 -3.00
CA HIS A 325 13.78 3.64 -1.94
C HIS A 325 15.18 3.99 -1.46
N ARG A 326 16.08 4.35 -2.39
CA ARG A 326 17.45 4.68 -2.01
C ARG A 326 17.55 5.85 -1.03
N MET A 327 16.45 6.62 -0.91
CA MET A 327 16.42 7.76 0.01
C MET A 327 15.82 7.39 1.37
N ALA A 328 15.60 6.10 1.59
CA ALA A 328 15.02 5.64 2.85
C ALA A 328 15.91 6.00 4.04
N ARG A 329 15.28 6.38 5.15
CA ARG A 329 16.01 6.75 6.36
C ARG A 329 15.59 5.85 7.52
N GLU A 330 16.58 5.29 8.22
CA GLU A 330 16.32 4.39 9.34
C GLU A 330 16.36 5.08 10.69
N LEU A 331 15.17 5.35 11.24
CA LEU A 331 15.04 6.01 12.53
C LEU A 331 13.61 5.80 13.00
N PRO A 332 13.27 6.25 14.22
CA PRO A 332 11.90 6.06 14.71
C PRO A 332 10.93 6.80 13.78
N ALA A 333 9.76 6.20 13.56
CA ALA A 333 8.76 6.80 12.69
C ALA A 333 8.38 8.21 13.14
N GLY A 334 8.30 8.40 14.46
CA GLY A 334 7.95 9.70 14.98
C GLY A 334 8.98 10.76 14.59
N ARG A 335 10.25 10.38 14.61
CA ARG A 335 11.31 11.32 14.25
C ARG A 335 11.27 11.58 12.74
N LEU A 336 10.88 10.58 11.96
CA LEU A 336 10.79 10.75 10.51
C LEU A 336 9.70 11.77 10.17
N VAL A 337 8.61 11.74 10.94
CA VAL A 337 7.53 12.69 10.71
C VAL A 337 8.05 14.08 10.99
N GLU A 338 8.84 14.22 12.06
CA GLU A 338 9.41 15.51 12.43
C GLU A 338 10.34 16.03 11.34
N VAL A 339 11.18 15.15 10.79
CA VAL A 339 12.10 15.56 9.73
C VAL A 339 11.30 15.95 8.49
N LEU A 340 10.31 15.14 8.14
CA LEU A 340 9.48 15.45 6.97
C LEU A 340 8.77 16.78 7.17
N ALA A 341 8.29 17.02 8.39
CA ALA A 341 7.59 18.27 8.70
C ALA A 341 8.52 19.47 8.53
N ALA A 342 9.77 19.32 8.96
CA ALA A 342 10.75 20.37 8.85
C ALA A 342 11.11 20.64 7.39
N GLU A 343 11.23 19.55 6.62
CA GLU A 343 11.57 19.68 5.21
C GLU A 343 10.41 20.35 4.46
N LEU A 344 9.19 19.99 4.86
CA LEU A 344 7.99 20.57 4.28
C LEU A 344 7.98 22.08 4.52
N ALA A 345 8.19 22.49 5.77
CA ALA A 345 8.20 23.90 6.12
C ALA A 345 9.29 24.62 5.35
N GLU A 346 10.47 24.02 5.28
CA GLU A 346 11.60 24.61 4.58
C GLU A 346 11.26 24.84 3.11
N ALA A 347 10.59 23.87 2.49
CA ALA A 347 10.21 23.99 1.09
C ALA A 347 9.15 25.06 0.91
N ARG A 348 8.20 25.13 1.83
CA ARG A 348 7.14 26.14 1.76
C ARG A 348 7.75 27.53 1.72
N THR A 349 8.62 27.80 2.69
CA THR A 349 9.29 29.08 2.79
C THR A 349 10.02 29.43 1.48
N ALA A 350 10.75 28.47 0.93
CA ALA A 350 11.48 28.69 -0.30
C ALA A 350 10.56 29.14 -1.43
N LEU A 351 9.40 28.50 -1.55
CA LEU A 351 8.43 28.84 -2.59
C LEU A 351 7.88 30.25 -2.39
N SER A 352 8.39 30.95 -1.38
CA SER A 352 7.94 32.31 -1.08
C SER A 352 9.00 33.09 -0.31
N1 FMN B . -1.51 -0.12 -0.21
C2 FMN B . -2.74 -0.59 0.27
O2 FMN B . -3.78 0.02 0.02
N3 FMN B . -2.81 -1.74 1.05
C4 FMN B . -1.69 -2.47 1.39
O4 FMN B . -1.80 -3.49 2.09
C4A FMN B . -0.43 -2.01 0.93
N5 FMN B . 0.74 -2.69 1.26
C5A FMN B . 2.00 -2.23 0.84
C6 FMN B . 3.16 -2.94 1.22
C7 FMN B . 4.48 -2.52 0.83
C7M FMN B . 5.56 -2.82 1.89
C8 FMN B . 4.53 -1.30 0.06
C8M FMN B . 5.70 -0.33 0.12
C9 FMN B . 3.36 -0.58 -0.36
C9A FMN B . 2.08 -1.04 0.03
N10 FMN B . 0.89 -0.36 -0.33
C10 FMN B . -0.36 -0.83 0.12
C1' FMN B . 0.93 0.78 -1.34
C2' FMN B . 0.88 2.11 -0.53
O2' FMN B . -0.48 2.40 -0.22
C3' FMN B . 1.42 3.34 -1.35
O3' FMN B . 0.64 3.41 -2.54
C4' FMN B . 2.90 3.23 -1.75
O4' FMN B . 3.64 2.81 -0.60
C5' FMN B . 3.43 4.60 -2.25
O5' FMN B . 4.84 4.54 -2.64
P FMN B . 6.14 4.75 -1.68
O1P FMN B . 5.33 5.73 -0.91
O2P FMN B . 6.79 5.05 -3.02
O3P FMN B . 5.94 3.29 -1.31
C1 MPD C . -22.68 -7.75 1.59
C2 MPD C . -21.54 -7.40 0.63
O2 MPD C . -20.42 -6.92 1.37
CM MPD C . -21.14 -8.66 -0.16
C3 MPD C . -22.02 -6.34 -0.39
C4 MPD C . -22.48 -5.01 0.26
O4 MPD C . -21.43 -4.44 1.02
C5 MPD C . -22.93 -4.00 -0.80
#